data_6QAA
#
_entry.id   6QAA
#
_cell.length_a   154.597
_cell.length_b   154.597
_cell.length_c   128.214
_cell.angle_alpha   90.00
_cell.angle_beta   90.00
_cell.angle_gamma   90.00
#
_symmetry.space_group_name_H-M   'I 4 2 2'
#
loop_
_entity.id
_entity.type
_entity.pdbx_description
1 polymer Cholinesterase
2 branched alpha-L-fucopyranose-(1-6)-2-acetamido-2-deoxy-beta-D-glucopyranose
3 branched 2-acetamido-2-deoxy-beta-D-glucopyranose-(1-4)-[alpha-L-fucopyranose-(1-6)]2-acetamido-2-deoxy-beta-D-glucopyranose
4 non-polymer 2-acetamido-2-deoxy-beta-D-glucopyranose
5 non-polymer 'DIMETHYL SULFOXIDE'
6 non-polymer butyl-[(2~{S})-1-(2-cycloheptylethylamino)-3-(1~{H}-indol-3-yl)-1-oxidanylidene-propan-2-yl]azanium
7 non-polymer GLYCEROL
8 non-polymer '2-(N-MORPHOLINO)-ETHANESULFONIC ACID'
9 non-polymer 'SULFATE ION'
10 water water
#
_entity_poly.entity_id   1
_entity_poly.type   'polypeptide(L)'
_entity_poly.pdbx_seq_one_letter_code
;MDSKVTIICIRFLFWFLLLCMLIGKSHTEDDIIIATKNGKVRGMQLTVFGGTVTAFLGIPYAQPPLGRLRFKKPQSLTKW
SDIWNATKYANSCCQNIDQSFPGFHGSEMWNPNTDLSEDCLYLNVWIPAPKPKNATVLIWIYGGGFQTGTSSLHVYDGKF
LARVERVIVVSMNYRVGALGFLALPGNPEAPGNMGLFDQQLALQWVQKNIAAFGGNPKSVTLFGESAGAASVSLHLLSPG
SHSLFTRAILQSGSFNAPWAVTSLYEARNRTLNLAKLTGCSRENETEIIKCLRNKDPQEILLNEAFVVPYGTPLSVNFGP
TVDGDFLTDMPDILLELGQFKKTQILVGVNKDEGTAFLVYGAPGFSKDNNSIITRKEFQEGLKIFFPGVSEFGKESILFH
YTDWVDDQRPENYREALGDVVGDYNFICPALEFTKKFSEWGNNAFFYYFEHRSSKLPWPEWMGVMHGYEIEFVFGLPLER
RDQYTKAEEILSRSIVKRWANFAKYGNPQETQNQSTSWPVFKSTEQKYLTLNTESTRIMTKLRAQQCRFWTSFFPKV
;
_entity_poly.pdbx_strand_id   A
#
loop_
_chem_comp.id
_chem_comp.type
_chem_comp.name
_chem_comp.formula
DMS non-polymer 'DIMETHYL SULFOXIDE' 'C2 H6 O S'
FUC L-saccharide, alpha linking alpha-L-fucopyranose 'C6 H12 O5'
GOL non-polymer GLYCEROL 'C3 H8 O3'
HUN non-polymer butyl-[(2~{S})-1-(2-cycloheptylethylamino)-3-(1~{H}-indol-3-yl)-1-oxidanylidene-propan-2-yl]azanium 'C24 H38 N3 O 1'
MES non-polymer '2-(N-MORPHOLINO)-ETHANESULFONIC ACID' 'C6 H13 N O4 S'
NAG D-saccharide, beta linking 2-acetamido-2-deoxy-beta-D-glucopyranose 'C8 H15 N O6'
SO4 non-polymer 'SULFATE ION' 'O4 S -2'
#
# COMPACT_ATOMS: atom_id res chain seq x y z
N ILE A 32 -23.77 15.64 -14.40
CA ILE A 32 -23.59 14.29 -14.92
C ILE A 32 -22.43 14.27 -15.90
N ILE A 33 -22.15 15.41 -16.54
CA ILE A 33 -21.12 15.50 -17.57
C ILE A 33 -20.13 16.59 -17.18
N ILE A 34 -18.86 16.23 -17.13
CA ILE A 34 -17.80 17.16 -16.75
C ILE A 34 -16.85 17.32 -17.92
N ALA A 35 -16.45 18.56 -18.19
CA ALA A 35 -15.48 18.84 -19.24
C ALA A 35 -14.09 18.78 -18.65
N THR A 36 -13.31 17.77 -19.05
CA THR A 36 -11.91 17.69 -18.67
C THR A 36 -11.04 18.19 -19.81
N LYS A 37 -9.75 18.36 -19.52
CA LYS A 37 -8.90 18.96 -20.54
C LYS A 37 -8.63 18.04 -21.72
N ASN A 38 -8.99 16.75 -21.63
CA ASN A 38 -8.86 15.81 -22.74
C ASN A 38 -10.19 15.39 -23.32
N GLY A 39 -11.31 15.93 -22.82
CA GLY A 39 -12.60 15.56 -23.34
C GLY A 39 -13.65 15.49 -22.25
N LYS A 40 -14.92 15.34 -22.65
CA LYS A 40 -16.00 15.21 -21.70
C LYS A 40 -16.08 13.78 -21.16
N VAL A 41 -16.48 13.67 -19.89
CA VAL A 41 -16.74 12.38 -19.27
C VAL A 41 -18.11 12.43 -18.60
N ARG A 42 -18.85 11.33 -18.70
CA ARG A 42 -20.15 11.18 -18.09
C ARG A 42 -20.01 10.24 -16.90
N GLY A 43 -20.55 10.65 -15.75
CA GLY A 43 -20.57 9.83 -14.57
C GLY A 43 -21.93 9.23 -14.30
N MET A 44 -22.11 8.75 -13.08
CA MET A 44 -23.38 8.16 -12.67
C MET A 44 -23.66 8.53 -11.22
N GLN A 45 -24.94 8.60 -10.90
CA GLN A 45 -25.38 8.99 -9.56
C GLN A 45 -25.56 7.74 -8.70
N LEU A 46 -25.09 7.82 -7.47
CA LEU A 46 -25.23 6.74 -6.50
C LEU A 46 -25.99 7.26 -5.30
N THR A 47 -26.89 6.43 -4.77
CA THR A 47 -27.56 6.73 -3.51
C THR A 47 -26.73 6.20 -2.36
N VAL A 48 -26.36 7.08 -1.44
CA VAL A 48 -25.56 6.72 -0.28
C VAL A 48 -26.14 7.43 0.93
N PHE A 49 -26.61 6.67 1.92
CA PHE A 49 -27.04 7.21 3.20
C PHE A 49 -28.07 8.34 3.02
N GLY A 50 -29.08 8.08 2.20
CA GLY A 50 -30.09 9.09 1.98
C GLY A 50 -29.60 10.34 1.28
N GLY A 51 -28.45 10.26 0.62
CA GLY A 51 -27.94 11.36 -0.16
C GLY A 51 -27.45 10.83 -1.49
N THR A 52 -26.70 11.64 -2.25
CA THR A 52 -26.23 11.23 -3.56
C THR A 52 -24.73 11.49 -3.65
N VAL A 53 -24.04 10.59 -4.35
CA VAL A 53 -22.64 10.75 -4.71
C VAL A 53 -22.53 10.54 -6.22
N THR A 54 -21.74 11.36 -6.88
CA THR A 54 -21.50 11.20 -8.31
C THR A 54 -20.17 10.47 -8.50
N ALA A 55 -20.21 9.34 -9.19
CA ALA A 55 -19.03 8.51 -9.40
C ALA A 55 -18.67 8.54 -10.87
N PHE A 56 -17.37 8.74 -11.15
CA PHE A 56 -16.79 8.62 -12.48
C PHE A 56 -15.80 7.47 -12.41
N LEU A 57 -16.20 6.30 -12.86
CA LEU A 57 -15.37 5.10 -12.80
C LEU A 57 -14.71 4.83 -14.15
N GLY A 58 -13.39 4.62 -14.15
CA GLY A 58 -12.66 4.30 -15.35
C GLY A 58 -12.37 5.43 -16.33
N ILE A 59 -11.87 6.55 -15.86
CA ILE A 59 -11.36 7.61 -16.75
C ILE A 59 -9.93 7.26 -17.15
N PRO A 60 -9.62 7.21 -18.45
CA PRO A 60 -8.23 6.99 -18.84
C PRO A 60 -7.38 8.20 -18.48
N TYR A 61 -6.14 7.95 -18.02
CA TYR A 61 -5.22 9.03 -17.74
C TYR A 61 -3.90 8.90 -18.48
N ALA A 62 -3.74 7.88 -19.33
CA ALA A 62 -2.51 7.70 -20.08
C ALA A 62 -2.82 6.92 -21.34
N GLN A 63 -1.87 6.94 -22.29
CA GLN A 63 -1.97 6.03 -23.42
C GLN A 63 -1.85 4.59 -22.93
N PRO A 64 -2.70 3.67 -23.40
CA PRO A 64 -2.54 2.25 -23.04
C PRO A 64 -1.13 1.78 -23.31
N PRO A 65 -0.45 1.19 -22.33
CA PRO A 65 0.98 0.85 -22.50
C PRO A 65 1.18 -0.46 -23.25
N LEU A 66 0.70 -0.50 -24.50
CA LEU A 66 0.67 -1.71 -25.31
C LEU A 66 1.78 -1.70 -26.35
N GLY A 67 2.11 -2.90 -26.84
CA GLY A 67 3.05 -3.04 -27.94
C GLY A 67 4.43 -2.51 -27.64
N ARG A 68 4.86 -1.53 -28.44
CA ARG A 68 6.15 -0.87 -28.21
C ARG A 68 6.17 -0.05 -26.92
N LEU A 69 5.01 0.25 -26.33
CA LEU A 69 4.93 1.00 -25.08
C LEU A 69 5.01 0.12 -23.84
N ARG A 70 4.98 -1.20 -23.98
CA ARG A 70 5.18 -2.07 -22.83
C ARG A 70 6.55 -1.82 -22.24
N PHE A 71 6.59 -1.69 -20.91
CA PHE A 71 7.78 -1.45 -20.07
C PHE A 71 8.27 -0.01 -20.09
N LYS A 72 7.66 0.89 -20.86
CA LYS A 72 8.07 2.28 -20.88
C LYS A 72 7.26 3.11 -19.88
N LYS A 73 7.76 4.29 -19.56
CA LYS A 73 7.01 5.22 -18.74
C LYS A 73 5.69 5.53 -19.45
N PRO A 74 4.63 5.83 -18.69
CA PRO A 74 3.34 6.11 -19.32
C PRO A 74 3.43 7.36 -20.18
N GLN A 75 2.73 7.34 -21.30
CA GLN A 75 2.71 8.47 -22.22
C GLN A 75 1.40 9.23 -22.09
N SER A 76 1.47 10.53 -22.34
CA SER A 76 0.33 11.42 -22.18
C SER A 76 -0.80 11.05 -23.13
N LEU A 77 -2.00 11.45 -22.75
CA LEU A 77 -3.20 11.04 -23.45
C LEU A 77 -3.56 12.02 -24.56
N THR A 78 -3.93 11.46 -25.70
CA THR A 78 -4.43 12.26 -26.81
C THR A 78 -5.93 12.50 -26.63
N LYS A 79 -6.36 13.70 -27.00
CA LYS A 79 -7.72 14.16 -26.75
C LYS A 79 -8.74 13.25 -27.43
N TRP A 80 -9.98 13.30 -26.91
CA TRP A 80 -11.12 12.67 -27.54
C TRP A 80 -12.28 13.65 -27.57
N SER A 81 -13.15 13.51 -28.57
CA SER A 81 -14.26 14.44 -28.76
C SER A 81 -15.61 13.84 -28.40
N ASP A 82 -15.68 12.52 -28.19
CA ASP A 82 -16.89 11.88 -27.69
C ASP A 82 -17.21 12.40 -26.29
N ILE A 83 -18.23 11.82 -25.68
CA ILE A 83 -18.38 11.85 -24.23
C ILE A 83 -17.93 10.48 -23.73
N TRP A 84 -16.84 10.45 -22.98
CA TRP A 84 -16.37 9.20 -22.39
C TRP A 84 -17.32 8.78 -21.28
N ASN A 85 -17.82 7.55 -21.37
CA ASN A 85 -18.76 7.06 -20.36
C ASN A 85 -17.96 6.42 -19.24
N ALA A 86 -17.83 7.13 -18.12
CA ALA A 86 -17.09 6.62 -16.96
C ALA A 86 -18.08 6.07 -15.94
N THR A 87 -18.73 4.98 -16.34
CA THR A 87 -19.83 4.41 -15.58
C THR A 87 -19.58 2.97 -15.13
N LYS A 88 -18.36 2.47 -15.28
CA LYS A 88 -18.00 1.16 -14.76
C LYS A 88 -16.51 1.15 -14.50
N TYR A 89 -16.08 0.38 -13.50
CA TYR A 89 -14.65 0.20 -13.26
C TYR A 89 -13.97 -0.36 -14.51
N ALA A 90 -12.75 0.08 -14.75
CA ALA A 90 -11.99 -0.35 -15.92
C ALA A 90 -11.24 -1.66 -15.64
N ASN A 91 -10.56 -2.18 -16.67
CA ASN A 91 -9.68 -3.33 -16.53
C ASN A 91 -8.67 -3.12 -15.39
N SER A 92 -8.35 -4.20 -14.68
CA SER A 92 -7.22 -4.22 -13.76
C SER A 92 -5.94 -4.60 -14.51
N CYS A 93 -4.79 -4.12 -14.01
CA CYS A 93 -3.53 -4.45 -14.65
C CYS A 93 -3.21 -5.94 -14.54
N CYS A 94 -2.40 -6.43 -15.47
CA CYS A 94 -2.08 -7.86 -15.51
C CYS A 94 -1.35 -8.22 -14.22
N GLN A 95 -1.69 -9.38 -13.65
CA GLN A 95 -1.09 -9.79 -12.38
C GLN A 95 -1.40 -11.26 -12.14
N ASN A 96 -0.51 -11.94 -11.43
CA ASN A 96 -0.82 -13.27 -10.90
C ASN A 96 -1.83 -13.15 -9.77
N ILE A 97 -2.71 -14.13 -9.67
CA ILE A 97 -3.79 -14.12 -8.68
C ILE A 97 -3.43 -15.05 -7.52
N ASP A 98 -3.89 -14.71 -6.33
CA ASP A 98 -3.79 -15.60 -5.17
C ASP A 98 -4.77 -16.76 -5.35
N GLN A 99 -4.25 -17.97 -5.57
CA GLN A 99 -5.08 -19.18 -5.62
C GLN A 99 -4.85 -20.09 -4.42
N SER A 100 -4.31 -19.55 -3.32
CA SER A 100 -4.01 -20.39 -2.17
C SER A 100 -5.27 -20.92 -1.50
N PHE A 101 -6.39 -20.17 -1.52
CA PHE A 101 -7.62 -20.57 -0.85
C PHE A 101 -8.82 -20.30 -1.75
N PRO A 102 -8.97 -21.06 -2.82
CA PRO A 102 -10.13 -20.86 -3.71
C PRO A 102 -11.43 -20.97 -2.94
N GLY A 103 -12.38 -20.09 -3.26
CA GLY A 103 -13.66 -20.02 -2.60
C GLY A 103 -13.69 -19.31 -1.26
N PHE A 104 -12.53 -18.90 -0.72
CA PHE A 104 -12.43 -18.32 0.62
C PHE A 104 -12.40 -16.80 0.52
N HIS A 105 -13.35 -16.14 1.19
CA HIS A 105 -13.47 -14.69 1.06
C HIS A 105 -12.25 -13.95 1.58
N GLY A 106 -11.58 -14.47 2.63
CA GLY A 106 -10.45 -13.76 3.22
C GLY A 106 -9.31 -13.52 2.24
N SER A 107 -9.09 -14.46 1.33
CA SER A 107 -8.08 -14.24 0.32
C SER A 107 -8.66 -13.67 -0.96
N GLU A 108 -9.87 -14.10 -1.34
CA GLU A 108 -10.37 -13.70 -2.63
C GLU A 108 -10.86 -12.26 -2.65
N MET A 109 -11.14 -11.66 -1.49
CA MET A 109 -11.49 -10.25 -1.46
C MET A 109 -10.37 -9.35 -1.98
N TRP A 110 -9.13 -9.85 -2.05
CA TRP A 110 -7.99 -9.08 -2.56
C TRP A 110 -7.71 -9.36 -4.02
N ASN A 111 -8.37 -10.34 -4.61
CA ASN A 111 -8.14 -10.66 -6.02
C ASN A 111 -8.86 -9.65 -6.92
N PRO A 112 -8.32 -9.42 -8.12
CA PRO A 112 -8.96 -8.49 -9.05
C PRO A 112 -10.41 -8.87 -9.32
N ASN A 113 -11.27 -7.85 -9.39
CA ASN A 113 -12.70 -8.05 -9.65
C ASN A 113 -13.13 -7.41 -10.97
N THR A 114 -12.18 -7.07 -11.85
CA THR A 114 -12.44 -6.72 -13.23
C THR A 114 -11.42 -7.46 -14.09
N ASP A 115 -11.69 -7.54 -15.40
CA ASP A 115 -10.79 -8.19 -16.36
C ASP A 115 -9.36 -7.65 -16.27
N LEU A 116 -8.39 -8.56 -16.34
CA LEU A 116 -6.99 -8.16 -16.44
C LEU A 116 -6.65 -7.77 -17.88
N SER A 117 -5.82 -6.73 -18.03
CA SER A 117 -5.43 -6.31 -19.36
C SER A 117 -4.24 -5.39 -19.22
N GLU A 118 -3.33 -5.41 -20.19
CA GLU A 118 -2.33 -4.36 -20.22
C GLU A 118 -2.96 -2.99 -20.38
N ASP A 119 -4.16 -2.93 -20.94
CA ASP A 119 -4.88 -1.68 -21.12
C ASP A 119 -5.60 -1.39 -19.80
N CYS A 120 -4.89 -0.80 -18.84
CA CYS A 120 -5.43 -0.67 -17.49
C CYS A 120 -5.15 0.68 -16.82
N LEU A 121 -4.58 1.67 -17.52
CA LEU A 121 -4.25 2.95 -16.88
C LEU A 121 -5.48 3.83 -16.84
N TYR A 122 -6.32 3.59 -15.83
CA TYR A 122 -7.55 4.33 -15.60
C TYR A 122 -7.61 4.75 -14.14
N LEU A 123 -8.44 5.75 -13.87
CA LEU A 123 -8.67 6.19 -12.50
C LEU A 123 -10.16 6.41 -12.26
N ASN A 124 -10.52 6.54 -10.99
CA ASN A 124 -11.88 6.75 -10.52
C ASN A 124 -11.97 8.01 -9.68
N VAL A 125 -13.11 8.69 -9.78
CA VAL A 125 -13.37 9.91 -9.01
C VAL A 125 -14.76 9.81 -8.39
N TRP A 126 -14.84 9.98 -7.07
CA TRP A 126 -16.11 10.12 -6.37
C TRP A 126 -16.23 11.55 -5.86
N ILE A 127 -17.32 12.23 -6.21
CA ILE A 127 -17.52 13.61 -5.73
C ILE A 127 -18.85 13.72 -4.98
N PRO A 128 -18.92 14.58 -3.97
CA PRO A 128 -20.19 14.80 -3.28
C PRO A 128 -21.20 15.43 -4.22
N ALA A 129 -22.47 15.22 -3.90
CA ALA A 129 -23.57 15.87 -4.58
C ALA A 129 -24.36 16.66 -3.54
N PRO A 130 -24.64 17.95 -3.79
CA PRO A 130 -24.29 18.75 -4.97
C PRO A 130 -22.79 18.90 -5.15
N LYS A 131 -22.36 19.15 -6.38
CA LYS A 131 -20.95 19.35 -6.70
C LYS A 131 -20.33 20.31 -5.68
N PRO A 132 -19.20 19.96 -5.08
CA PRO A 132 -18.59 20.83 -4.07
C PRO A 132 -17.91 22.02 -4.72
N LYS A 133 -17.57 23.00 -3.90
CA LYS A 133 -16.98 24.20 -4.48
C LYS A 133 -15.45 24.16 -4.50
N ASN A 134 -14.82 23.66 -3.46
CA ASN A 134 -13.35 23.65 -3.39
C ASN A 134 -12.91 22.51 -2.48
N ALA A 135 -13.32 21.29 -2.81
CA ALA A 135 -13.20 20.17 -1.87
C ALA A 135 -11.77 19.68 -1.79
N THR A 136 -11.34 19.33 -0.59
CA THR A 136 -10.09 18.61 -0.40
C THR A 136 -10.19 17.24 -1.07
N VAL A 137 -9.06 16.75 -1.59
CA VAL A 137 -8.99 15.55 -2.41
C VAL A 137 -8.14 14.50 -1.71
N LEU A 138 -8.65 13.28 -1.64
N LEU A 138 -8.65 13.27 -1.65
CA LEU A 138 -7.91 12.13 -1.11
CA LEU A 138 -7.93 12.12 -1.12
C LEU A 138 -7.64 11.17 -2.26
C LEU A 138 -7.64 11.18 -2.27
N ILE A 139 -6.37 10.88 -2.52
CA ILE A 139 -5.96 10.00 -3.62
C ILE A 139 -5.44 8.70 -3.02
N TRP A 140 -6.14 7.60 -3.30
CA TRP A 140 -5.80 6.27 -2.78
C TRP A 140 -4.84 5.54 -3.70
N ILE A 141 -3.83 4.93 -3.10
CA ILE A 141 -2.85 4.11 -3.82
C ILE A 141 -2.89 2.72 -3.19
N TYR A 142 -3.44 1.74 -3.92
CA TYR A 142 -3.59 0.41 -3.34
C TYR A 142 -2.23 -0.27 -3.18
N GLY A 143 -2.22 -1.26 -2.28
CA GLY A 143 -1.09 -2.14 -2.11
C GLY A 143 -1.30 -3.50 -2.76
N GLY A 144 -0.46 -4.45 -2.36
CA GLY A 144 -0.39 -5.75 -3.02
C GLY A 144 1.02 -6.19 -3.36
N GLY A 145 2.00 -5.78 -2.55
CA GLY A 145 3.38 -6.18 -2.77
C GLY A 145 4.02 -5.70 -4.05
N PHE A 146 3.47 -4.66 -4.70
CA PHE A 146 3.88 -4.19 -6.03
C PHE A 146 3.69 -5.25 -7.11
N GLN A 147 3.05 -6.38 -6.80
CA GLN A 147 2.83 -7.45 -7.78
C GLN A 147 1.37 -7.66 -8.09
N THR A 148 0.46 -7.11 -7.28
CA THR A 148 -0.98 -7.34 -7.38
C THR A 148 -1.69 -6.06 -6.98
N GLY A 149 -3.01 -6.07 -7.16
CA GLY A 149 -3.87 -5.02 -6.64
C GLY A 149 -4.70 -4.33 -7.70
N THR A 150 -5.77 -3.69 -7.28
CA THR A 150 -6.54 -2.90 -8.22
C THR A 150 -7.41 -1.92 -7.45
N SER A 151 -7.76 -0.81 -8.11
CA SER A 151 -8.52 0.22 -7.40
C SER A 151 -10.00 -0.10 -7.29
N SER A 152 -10.49 -1.16 -7.93
CA SER A 152 -11.93 -1.47 -7.95
C SER A 152 -12.38 -2.36 -6.80
N LEU A 153 -11.48 -2.80 -5.93
CA LEU A 153 -11.89 -3.65 -4.82
C LEU A 153 -12.97 -2.97 -3.99
N HIS A 154 -13.86 -3.80 -3.44
CA HIS A 154 -14.97 -3.33 -2.61
C HIS A 154 -14.48 -2.49 -1.42
N VAL A 155 -13.34 -2.86 -0.82
CA VAL A 155 -12.88 -2.17 0.38
C VAL A 155 -12.23 -0.83 0.06
N TYR A 156 -12.08 -0.46 -1.21
CA TYR A 156 -11.56 0.84 -1.63
C TYR A 156 -12.65 1.73 -2.23
N ASP A 157 -13.91 1.39 -2.04
CA ASP A 157 -15.01 2.17 -2.62
C ASP A 157 -15.08 3.55 -1.95
N GLY A 158 -14.78 4.60 -2.71
CA GLY A 158 -14.71 5.94 -2.17
C GLY A 158 -16.03 6.65 -1.91
N LYS A 159 -17.17 5.98 -2.16
CA LYS A 159 -18.45 6.71 -2.11
C LYS A 159 -18.85 7.11 -0.70
N PHE A 160 -18.43 6.35 0.32
CA PHE A 160 -18.82 6.69 1.68
C PHE A 160 -18.06 7.91 2.18
N LEU A 161 -16.76 8.01 1.89
CA LEU A 161 -16.00 9.19 2.27
C LEU A 161 -16.54 10.44 1.58
N ALA A 162 -16.87 10.34 0.30
CA ALA A 162 -17.43 11.49 -0.41
C ALA A 162 -18.75 11.91 0.23
N ARG A 163 -19.61 10.93 0.53
CA ARG A 163 -20.90 11.21 1.15
C ARG A 163 -20.75 11.81 2.54
N VAL A 164 -19.94 11.19 3.39
CA VAL A 164 -19.92 11.53 4.80
C VAL A 164 -19.07 12.76 5.08
N GLU A 165 -17.89 12.88 4.46
CA GLU A 165 -16.98 13.97 4.75
C GLU A 165 -16.93 15.04 3.67
N ARG A 166 -17.67 14.87 2.58
CA ARG A 166 -17.69 15.81 1.45
C ARG A 166 -16.29 16.09 0.92
N VAL A 167 -15.46 15.05 0.87
CA VAL A 167 -14.20 15.13 0.18
C VAL A 167 -14.40 14.50 -1.20
N ILE A 168 -13.47 14.75 -2.09
CA ILE A 168 -13.40 14.04 -3.36
C ILE A 168 -12.37 12.93 -3.19
N VAL A 169 -12.72 11.72 -3.64
CA VAL A 169 -11.82 10.56 -3.57
C VAL A 169 -11.42 10.18 -4.99
N VAL A 170 -10.13 9.99 -5.20
CA VAL A 170 -9.57 9.54 -6.47
C VAL A 170 -8.74 8.29 -6.19
N SER A 171 -8.82 7.32 -7.09
CA SER A 171 -7.94 6.15 -7.04
C SER A 171 -7.55 5.76 -8.46
N MET A 172 -6.35 5.23 -8.62
CA MET A 172 -5.87 4.86 -9.95
C MET A 172 -5.40 3.41 -9.98
N ASN A 173 -5.49 2.79 -11.15
CA ASN A 173 -4.73 1.57 -11.42
C ASN A 173 -3.35 1.94 -11.93
N TYR A 174 -2.34 1.22 -11.45
CA TYR A 174 -0.96 1.35 -11.88
C TYR A 174 -0.38 -0.02 -12.15
N ARG A 175 0.60 -0.10 -13.06
CA ARG A 175 1.13 -1.39 -13.47
C ARG A 175 1.91 -2.04 -12.33
N VAL A 176 1.81 -3.37 -12.23
CA VAL A 176 2.40 -4.14 -11.17
C VAL A 176 3.23 -5.28 -11.77
N GLY A 177 4.04 -5.92 -10.91
CA GLY A 177 4.88 -7.01 -11.39
C GLY A 177 5.93 -6.52 -12.38
N ALA A 178 6.39 -7.43 -13.24
CA ALA A 178 7.42 -7.04 -14.20
C ALA A 178 6.89 -6.02 -15.20
N LEU A 179 5.61 -6.06 -15.53
CA LEU A 179 5.10 -5.06 -16.46
C LEU A 179 5.16 -3.66 -15.87
N GLY A 180 5.21 -3.54 -14.54
CA GLY A 180 5.29 -2.23 -13.91
C GLY A 180 6.67 -1.86 -13.37
N PHE A 181 7.54 -2.84 -13.15
CA PHE A 181 8.78 -2.58 -12.43
C PHE A 181 10.01 -3.28 -12.98
N LEU A 182 9.90 -3.98 -14.10
CA LEU A 182 11.10 -4.53 -14.74
C LEU A 182 12.12 -3.41 -14.99
N ALA A 183 13.40 -3.68 -14.71
CA ALA A 183 14.39 -2.62 -14.79
C ALA A 183 15.68 -3.11 -15.42
N LEU A 184 16.14 -2.35 -16.42
CA LEU A 184 17.54 -2.27 -16.85
C LEU A 184 17.92 -0.82 -16.60
N PRO A 185 18.52 -0.51 -15.45
CA PRO A 185 18.66 0.90 -15.05
C PRO A 185 19.44 1.69 -16.09
N GLY A 186 18.85 2.81 -16.51
CA GLY A 186 19.41 3.66 -17.54
C GLY A 186 18.75 3.50 -18.90
N ASN A 187 18.25 2.30 -19.22
CA ASN A 187 17.69 1.97 -20.52
C ASN A 187 16.24 2.43 -20.62
N PRO A 188 15.94 3.44 -21.44
CA PRO A 188 14.55 3.93 -21.53
C PRO A 188 13.55 2.90 -22.03
N GLU A 189 14.01 1.78 -22.58
CA GLU A 189 13.07 0.75 -23.02
C GLU A 189 12.47 0.02 -21.83
N ALA A 190 13.19 -0.03 -20.71
CA ALA A 190 12.73 -0.63 -19.46
C ALA A 190 13.47 0.02 -18.29
N PRO A 191 13.14 1.26 -17.94
CA PRO A 191 13.96 2.00 -16.97
C PRO A 191 13.69 1.66 -15.51
N GLY A 192 12.66 0.89 -15.22
CA GLY A 192 12.25 0.69 -13.84
C GLY A 192 11.22 1.72 -13.40
N ASN A 193 10.53 1.39 -12.30
CA ASN A 193 9.60 2.30 -11.62
C ASN A 193 8.44 2.76 -12.50
N MET A 194 8.11 2.02 -13.57
CA MET A 194 7.05 2.48 -14.45
C MET A 194 5.72 2.60 -13.70
N GLY A 195 5.44 1.66 -12.79
CA GLY A 195 4.21 1.74 -12.01
C GLY A 195 4.19 2.93 -11.06
N LEU A 196 5.35 3.37 -10.59
CA LEU A 196 5.36 4.61 -9.82
C LEU A 196 5.14 5.82 -10.72
N PHE A 197 5.62 5.78 -11.97
CA PHE A 197 5.31 6.88 -12.89
C PHE A 197 3.84 6.87 -13.31
N ASP A 198 3.22 5.69 -13.40
CA ASP A 198 1.76 5.64 -13.58
C ASP A 198 1.06 6.41 -12.47
N GLN A 199 1.35 6.08 -11.22
CA GLN A 199 0.79 6.83 -10.09
C GLN A 199 1.03 8.33 -10.26
N GLN A 200 2.25 8.70 -10.63
CA GLN A 200 2.60 10.11 -10.71
C GLN A 200 1.79 10.81 -11.80
N LEU A 201 1.62 10.15 -12.96
CA LEU A 201 0.82 10.75 -14.02
C LEU A 201 -0.64 10.91 -13.59
N ALA A 202 -1.17 10.00 -12.78
CA ALA A 202 -2.52 10.20 -12.25
C ALA A 202 -2.55 11.38 -11.28
N LEU A 203 -1.51 11.55 -10.46
CA LEU A 203 -1.43 12.75 -9.62
C LEU A 203 -1.45 14.01 -10.50
N GLN A 204 -0.71 13.98 -11.61
CA GLN A 204 -0.72 15.11 -12.54
C GLN A 204 -2.11 15.33 -13.11
N TRP A 205 -2.81 14.26 -13.46
CA TRP A 205 -4.17 14.39 -13.99
C TRP A 205 -5.07 15.12 -12.99
N VAL A 206 -4.95 14.80 -11.70
CA VAL A 206 -5.73 15.49 -10.68
C VAL A 206 -5.37 16.97 -10.64
N GLN A 207 -4.08 17.29 -10.71
CA GLN A 207 -3.68 18.70 -10.70
C GLN A 207 -4.33 19.48 -11.85
N LYS A 208 -4.32 18.91 -13.06
CA LYS A 208 -4.88 19.61 -14.22
C LYS A 208 -6.41 19.59 -14.30
N ASN A 209 -7.07 18.61 -13.70
CA ASN A 209 -8.48 18.37 -14.00
C ASN A 209 -9.43 18.46 -12.81
N ILE A 210 -8.96 18.30 -11.58
CA ILE A 210 -9.93 18.09 -10.50
C ILE A 210 -10.74 19.35 -10.18
N ALA A 211 -10.24 20.54 -10.50
CA ALA A 211 -11.05 21.74 -10.27
C ALA A 211 -12.35 21.69 -11.07
N ALA A 212 -12.33 21.10 -12.26
CA ALA A 212 -13.57 20.94 -13.04
C ALA A 212 -14.59 20.09 -12.28
N PHE A 213 -14.13 19.20 -11.41
CA PHE A 213 -15.00 18.36 -10.58
C PHE A 213 -15.35 19.00 -9.24
N GLY A 214 -14.92 20.23 -8.98
CA GLY A 214 -15.16 20.85 -7.69
C GLY A 214 -14.09 20.62 -6.65
N GLY A 215 -12.93 20.08 -7.04
CA GLY A 215 -11.86 19.79 -6.11
C GLY A 215 -10.82 20.90 -6.06
N ASN A 216 -10.12 20.96 -4.93
CA ASN A 216 -9.03 21.91 -4.75
C ASN A 216 -7.69 21.24 -5.04
N PRO A 217 -7.03 21.51 -6.18
CA PRO A 217 -5.72 20.89 -6.44
C PRO A 217 -4.64 21.30 -5.45
N LYS A 218 -4.85 22.38 -4.70
CA LYS A 218 -3.89 22.76 -3.67
C LYS A 218 -4.15 22.06 -2.33
N SER A 219 -5.16 21.16 -2.24
CA SER A 219 -5.36 20.43 -0.98
C SER A 219 -5.59 18.96 -1.39
N VAL A 220 -4.49 18.25 -1.61
CA VAL A 220 -4.50 16.86 -2.05
C VAL A 220 -3.70 16.04 -1.05
N THR A 221 -4.32 15.01 -0.48
CA THR A 221 -3.64 14.11 0.43
C THR A 221 -3.55 12.73 -0.21
N LEU A 222 -2.35 12.17 -0.30
CA LEU A 222 -2.18 10.79 -0.73
C LEU A 222 -2.42 9.87 0.45
N PHE A 223 -3.12 8.74 0.21
CA PHE A 223 -3.16 7.70 1.23
C PHE A 223 -3.11 6.33 0.54
N GLY A 224 -2.52 5.37 1.24
CA GLY A 224 -2.33 4.04 0.68
C GLY A 224 -1.94 3.10 1.78
N GLU A 225 -2.00 1.81 1.46
CA GLU A 225 -1.73 0.77 2.44
C GLU A 225 -0.74 -0.23 1.84
N SER A 226 0.13 -0.72 2.71
CA SER A 226 1.15 -1.73 2.40
C SER A 226 2.01 -1.21 1.26
N ALA A 227 2.08 -1.86 0.09
CA ALA A 227 2.88 -1.30 -0.99
C ALA A 227 2.34 0.05 -1.46
N GLY A 228 1.05 0.32 -1.23
CA GLY A 228 0.53 1.63 -1.55
C GLY A 228 1.09 2.69 -0.62
N ALA A 229 1.29 2.33 0.67
CA ALA A 229 1.92 3.25 1.62
C ALA A 229 3.40 3.42 1.34
N ALA A 230 4.09 2.33 0.98
CA ALA A 230 5.47 2.47 0.50
C ALA A 230 5.52 3.43 -0.69
N SER A 231 4.56 3.32 -1.61
CA SER A 231 4.48 4.23 -2.76
C SER A 231 4.32 5.67 -2.30
N VAL A 232 3.36 5.92 -1.41
CA VAL A 232 3.19 7.25 -0.83
C VAL A 232 4.52 7.76 -0.28
N SER A 233 5.24 6.92 0.47
CA SER A 233 6.49 7.41 1.05
C SER A 233 7.52 7.72 -0.03
N LEU A 234 7.47 7.03 -1.17
CA LEU A 234 8.42 7.34 -2.24
C LEU A 234 8.02 8.62 -2.98
N HIS A 235 6.73 8.94 -3.04
CA HIS A 235 6.35 10.25 -3.58
C HIS A 235 6.84 11.39 -2.70
N LEU A 236 6.91 11.19 -1.38
CA LEU A 236 7.54 12.19 -0.52
C LEU A 236 9.02 12.38 -0.88
N LEU A 237 9.66 11.33 -1.41
CA LEU A 237 11.07 11.42 -1.77
C LEU A 237 11.33 11.91 -3.19
N SER A 238 10.36 11.84 -4.08
CA SER A 238 10.63 12.04 -5.50
C SER A 238 10.40 13.51 -5.86
N PRO A 239 11.41 14.23 -6.34
CA PRO A 239 11.21 15.66 -6.65
C PRO A 239 10.08 15.89 -7.65
N GLY A 240 9.90 14.97 -8.58
CA GLY A 240 8.84 15.10 -9.56
C GLY A 240 7.44 15.03 -8.99
N SER A 241 7.26 14.44 -7.81
CA SER A 241 5.94 14.40 -7.20
C SER A 241 5.68 15.54 -6.22
N HIS A 242 6.70 16.34 -5.91
N HIS A 242 6.67 16.38 -5.93
CA HIS A 242 6.63 17.35 -4.85
CA HIS A 242 6.52 17.27 -4.78
C HIS A 242 5.43 18.26 -5.02
C HIS A 242 5.44 18.32 -4.99
N SER A 243 5.25 18.81 -6.22
CA SER A 243 4.22 19.80 -6.48
C SER A 243 2.85 19.16 -6.75
N LEU A 244 2.74 17.83 -6.72
CA LEU A 244 1.50 17.16 -7.06
C LEU A 244 0.65 16.76 -5.86
N PHE A 245 1.06 17.08 -4.62
CA PHE A 245 0.24 16.72 -3.47
C PHE A 245 0.63 17.56 -2.25
N THR A 246 -0.25 17.54 -1.25
CA THR A 246 -0.07 18.38 -0.07
C THR A 246 0.44 17.62 1.15
N ARG A 247 -0.20 16.50 1.50
CA ARG A 247 0.06 15.75 2.72
C ARG A 247 -0.02 14.26 2.40
N ALA A 248 0.34 13.42 3.38
CA ALA A 248 0.50 11.98 3.13
C ALA A 248 0.07 11.15 4.32
N ILE A 249 -0.60 10.03 4.03
CA ILE A 249 -1.05 9.04 5.00
C ILE A 249 -0.45 7.70 4.60
N LEU A 250 0.20 7.02 5.54
CA LEU A 250 0.92 5.76 5.30
C LEU A 250 0.36 4.67 6.22
N GLN A 251 -0.46 3.77 5.67
CA GLN A 251 -1.07 2.68 6.44
C GLN A 251 -0.27 1.40 6.21
N SER A 252 0.41 0.91 7.27
CA SER A 252 1.12 -0.37 7.23
C SER A 252 2.15 -0.47 6.09
N GLY A 253 2.97 0.57 5.91
CA GLY A 253 4.03 0.45 4.89
C GLY A 253 4.88 1.71 4.79
N SER A 254 6.11 1.52 4.31
CA SER A 254 7.01 2.64 4.06
C SER A 254 8.16 2.09 3.23
N PHE A 255 8.86 2.96 2.48
CA PHE A 255 9.87 2.45 1.56
C PHE A 255 11.01 1.71 2.29
N ASN A 256 11.27 2.05 3.56
CA ASN A 256 12.37 1.39 4.24
C ASN A 256 12.01 0.02 4.75
N ALA A 257 10.79 -0.45 4.52
CA ALA A 257 10.48 -1.84 4.83
C ALA A 257 11.37 -2.74 3.96
N PRO A 258 11.77 -3.89 4.49
CA PRO A 258 12.79 -4.70 3.79
C PRO A 258 12.33 -5.24 2.42
N TRP A 259 11.02 -5.34 2.19
CA TRP A 259 10.47 -5.82 0.92
C TRP A 259 10.24 -4.71 -0.12
N ALA A 260 10.44 -3.44 0.23
CA ALA A 260 9.87 -2.38 -0.59
C ALA A 260 10.75 -1.89 -1.72
N VAL A 261 12.07 -2.00 -1.63
CA VAL A 261 12.96 -1.47 -2.67
C VAL A 261 13.92 -2.57 -3.10
N THR A 262 14.03 -2.75 -4.41
CA THR A 262 14.92 -3.75 -5.00
C THR A 262 16.26 -3.12 -5.34
N SER A 263 17.34 -3.80 -4.99
CA SER A 263 18.67 -3.31 -5.37
C SER A 263 18.89 -3.44 -6.88
N LEU A 264 19.79 -2.60 -7.41
CA LEU A 264 20.09 -2.68 -8.83
C LEU A 264 20.75 -4.00 -9.20
N TYR A 265 21.52 -4.59 -8.27
CA TYR A 265 22.04 -5.93 -8.48
C TYR A 265 20.91 -6.95 -8.59
N GLU A 266 20.02 -6.97 -7.60
CA GLU A 266 18.85 -7.85 -7.68
C GLU A 266 18.04 -7.57 -8.94
N ALA A 267 17.82 -6.29 -9.26
CA ALA A 267 16.95 -5.97 -10.39
C ALA A 267 17.51 -6.51 -11.70
N ARG A 268 18.83 -6.36 -11.91
CA ARG A 268 19.37 -6.89 -13.16
C ARG A 268 19.36 -8.41 -13.19
N ASN A 269 19.76 -9.06 -12.08
CA ASN A 269 19.70 -10.52 -12.01
C ASN A 269 18.30 -11.03 -12.33
N ARG A 270 17.28 -10.29 -11.88
CA ARG A 270 15.91 -10.75 -12.08
C ARG A 270 15.43 -10.49 -13.51
N THR A 271 15.83 -9.36 -14.09
CA THR A 271 15.53 -9.12 -15.49
C THR A 271 16.21 -10.16 -16.38
N LEU A 272 17.48 -10.45 -16.10
CA LEU A 272 18.20 -11.45 -16.89
C LEU A 272 17.60 -12.84 -16.71
N ASN A 273 17.18 -13.19 -15.50
CA ASN A 273 16.56 -14.49 -15.28
C ASN A 273 15.24 -14.60 -16.02
N LEU A 274 14.44 -13.52 -16.03
CA LEU A 274 13.21 -13.51 -16.81
C LEU A 274 13.51 -13.74 -18.28
N ALA A 275 14.54 -13.07 -18.81
CA ALA A 275 14.92 -13.26 -20.21
C ALA A 275 15.23 -14.73 -20.49
N LYS A 276 16.05 -15.35 -19.64
CA LYS A 276 16.39 -16.76 -19.89
C LYS A 276 15.16 -17.65 -19.77
N LEU A 277 14.29 -17.39 -18.79
CA LEU A 277 13.11 -18.22 -18.63
C LEU A 277 12.12 -18.07 -19.77
N THR A 278 12.21 -17.00 -20.55
CA THR A 278 11.31 -16.75 -21.67
C THR A 278 11.96 -16.97 -23.02
N GLY A 279 13.23 -17.36 -23.06
CA GLY A 279 13.94 -17.51 -24.31
C GLY A 279 14.38 -16.20 -24.95
N CYS A 280 14.50 -15.13 -24.17
CA CYS A 280 14.79 -13.80 -24.67
C CYS A 280 16.20 -13.33 -24.33
N SER A 281 17.09 -14.24 -23.92
CA SER A 281 18.46 -13.84 -23.65
C SER A 281 19.13 -13.35 -24.92
N ARG A 282 19.74 -12.17 -24.84
CA ARG A 282 20.49 -11.58 -25.95
C ARG A 282 21.70 -10.86 -25.37
N GLU A 283 22.57 -10.39 -26.26
CA GLU A 283 23.67 -9.55 -25.76
C GLU A 283 23.32 -8.08 -25.81
N ASN A 284 22.61 -7.64 -26.86
CA ASN A 284 22.00 -6.31 -26.83
C ASN A 284 20.90 -6.32 -25.78
N GLU A 285 21.09 -5.53 -24.71
CA GLU A 285 20.04 -5.44 -23.68
C GLU A 285 18.75 -4.89 -24.25
N THR A 286 18.84 -3.99 -25.23
CA THR A 286 17.63 -3.49 -25.87
C THR A 286 16.93 -4.59 -26.65
N GLU A 287 17.69 -5.51 -27.25
CA GLU A 287 17.08 -6.63 -27.95
C GLU A 287 16.39 -7.58 -26.99
N ILE A 288 16.91 -7.72 -25.76
CA ILE A 288 16.18 -8.46 -24.74
C ILE A 288 14.79 -7.87 -24.55
N ILE A 289 14.72 -6.54 -24.38
CA ILE A 289 13.43 -5.89 -24.14
C ILE A 289 12.51 -6.06 -25.34
N LYS A 290 13.04 -5.93 -26.57
CA LYS A 290 12.17 -6.08 -27.73
C LYS A 290 11.62 -7.50 -27.82
N CYS A 291 12.42 -8.50 -27.47
CA CYS A 291 11.92 -9.86 -27.42
C CYS A 291 10.87 -10.03 -26.33
N LEU A 292 11.12 -9.46 -25.14
CA LEU A 292 10.12 -9.51 -24.08
C LEU A 292 8.83 -8.81 -24.51
N ARG A 293 8.94 -7.81 -25.39
CA ARG A 293 7.74 -7.12 -25.87
C ARG A 293 6.89 -7.99 -26.78
N ASN A 294 7.43 -9.08 -27.31
CA ASN A 294 6.65 -9.96 -28.17
C ASN A 294 6.07 -11.14 -27.44
N LYS A 295 6.45 -11.36 -26.18
CA LYS A 295 5.83 -12.40 -25.39
C LYS A 295 4.42 -11.98 -24.98
N ASP A 296 3.54 -12.95 -24.82
CA ASP A 296 2.21 -12.62 -24.36
C ASP A 296 2.25 -12.35 -22.85
N PRO A 297 1.36 -11.48 -22.36
CA PRO A 297 1.39 -11.14 -20.93
C PRO A 297 1.45 -12.35 -20.03
N GLN A 298 0.72 -13.43 -20.39
CA GLN A 298 0.69 -14.58 -19.51
C GLN A 298 2.03 -15.29 -19.44
N GLU A 299 2.84 -15.24 -20.51
CA GLU A 299 4.15 -15.88 -20.42
C GLU A 299 5.06 -15.11 -19.47
N ILE A 300 4.97 -13.78 -19.49
CA ILE A 300 5.73 -12.97 -18.52
C ILE A 300 5.25 -13.28 -17.11
N LEU A 301 3.93 -13.26 -16.89
CA LEU A 301 3.40 -13.50 -15.55
C LEU A 301 3.82 -14.85 -15.01
N LEU A 302 3.77 -15.90 -15.85
CA LEU A 302 4.06 -17.26 -15.38
C LEU A 302 5.48 -17.40 -14.84
N ASN A 303 6.42 -16.63 -15.36
CA ASN A 303 7.81 -16.77 -14.97
C ASN A 303 8.26 -15.82 -13.87
N GLU A 304 7.39 -14.90 -13.43
CA GLU A 304 7.79 -13.90 -12.43
C GLU A 304 8.25 -14.54 -11.13
N ALA A 305 7.57 -15.59 -10.67
CA ALA A 305 7.87 -16.17 -9.36
C ALA A 305 9.28 -16.76 -9.31
N PHE A 306 9.82 -17.18 -10.45
CA PHE A 306 11.04 -17.96 -10.48
C PHE A 306 12.29 -17.14 -10.76
N VAL A 307 12.18 -15.80 -10.88
CA VAL A 307 13.38 -15.02 -11.13
C VAL A 307 14.25 -14.89 -9.90
N VAL A 308 13.78 -15.33 -8.74
CA VAL A 308 14.59 -15.37 -7.52
C VAL A 308 14.88 -16.83 -7.19
N PRO A 309 16.00 -17.12 -6.55
CA PRO A 309 16.29 -18.52 -6.19
C PRO A 309 15.47 -18.97 -4.99
N TYR A 310 15.21 -18.07 -4.05
CA TYR A 310 14.49 -18.39 -2.82
C TYR A 310 13.37 -17.37 -2.63
N GLY A 311 12.13 -17.82 -2.79
CA GLY A 311 10.97 -16.97 -2.58
C GLY A 311 10.39 -17.16 -1.20
N THR A 312 9.79 -16.10 -0.68
CA THR A 312 9.11 -16.09 0.61
C THR A 312 7.70 -15.54 0.39
N PRO A 313 6.83 -15.64 1.40
CA PRO A 313 5.49 -15.02 1.28
C PRO A 313 5.53 -13.50 1.12
N LEU A 314 6.69 -12.86 1.32
CA LEU A 314 6.82 -11.42 1.18
C LEU A 314 7.69 -11.05 -0.02
N SER A 315 7.91 -12.00 -0.93
CA SER A 315 8.77 -11.73 -2.07
C SER A 315 8.13 -10.65 -2.93
N VAL A 316 8.95 -9.69 -3.32
CA VAL A 316 8.56 -8.61 -4.21
C VAL A 316 9.52 -8.75 -5.39
N ASN A 317 9.14 -9.59 -6.35
CA ASN A 317 10.11 -9.97 -7.37
C ASN A 317 10.48 -8.80 -8.26
N PHE A 318 9.52 -7.94 -8.57
CA PHE A 318 9.76 -6.73 -9.36
C PHE A 318 9.15 -5.55 -8.63
N GLY A 319 9.99 -4.70 -8.06
CA GLY A 319 9.49 -3.54 -7.38
C GLY A 319 10.34 -2.32 -7.63
N PRO A 320 10.09 -1.27 -6.84
CA PRO A 320 10.82 -0.01 -7.04
C PRO A 320 12.33 -0.19 -6.98
N THR A 321 13.03 0.62 -7.77
CA THR A 321 14.48 0.59 -7.83
C THR A 321 15.01 2.02 -7.83
N VAL A 322 16.29 2.16 -7.53
CA VAL A 322 16.93 3.48 -7.68
C VAL A 322 17.23 3.65 -9.17
N ASP A 323 16.34 4.32 -9.87
CA ASP A 323 16.41 4.45 -11.32
C ASP A 323 17.11 5.72 -11.79
N GLY A 324 17.48 6.62 -10.88
CA GLY A 324 18.02 7.90 -11.27
C GLY A 324 17.03 8.85 -11.90
N ASP A 325 15.74 8.58 -11.76
CA ASP A 325 14.73 9.43 -12.39
C ASP A 325 13.64 9.74 -11.36
N PHE A 326 12.76 8.77 -11.11
CA PHE A 326 11.82 8.88 -9.99
C PHE A 326 12.57 8.93 -8.66
N LEU A 327 13.59 8.08 -8.50
CA LEU A 327 14.39 7.97 -7.29
C LEU A 327 15.83 8.32 -7.65
N THR A 328 16.34 9.42 -7.09
CA THR A 328 17.66 9.93 -7.49
C THR A 328 18.82 9.32 -6.71
N ASP A 329 18.55 8.58 -5.65
CA ASP A 329 19.59 8.06 -4.77
C ASP A 329 18.92 6.97 -3.93
N MET A 330 19.75 6.16 -3.29
CA MET A 330 19.23 5.17 -2.36
C MET A 330 18.33 5.87 -1.33
N PRO A 331 17.09 5.42 -1.16
CA PRO A 331 16.16 6.24 -0.37
C PRO A 331 16.50 6.31 1.10
N ASP A 332 17.20 5.32 1.65
CA ASP A 332 17.66 5.43 3.02
C ASP A 332 18.57 6.64 3.21
N ILE A 333 19.36 6.98 2.19
CA ILE A 333 20.24 8.15 2.28
C ILE A 333 19.42 9.43 2.27
N LEU A 334 18.46 9.51 1.34
CA LEU A 334 17.58 10.67 1.23
C LEU A 334 16.83 10.93 2.54
N LEU A 335 16.30 9.86 3.14
CA LEU A 335 15.58 9.98 4.40
C LEU A 335 16.49 10.50 5.51
N GLU A 336 17.65 9.85 5.66
CA GLU A 336 18.59 10.20 6.73
C GLU A 336 19.03 11.66 6.64
N LEU A 337 19.23 12.17 5.43
CA LEU A 337 19.77 13.51 5.23
C LEU A 337 18.69 14.54 4.93
N GLY A 338 17.42 14.22 5.17
CA GLY A 338 16.37 15.24 5.12
C GLY A 338 15.95 15.68 3.73
N GLN A 339 16.17 14.84 2.72
CA GLN A 339 15.88 15.20 1.33
C GLN A 339 14.52 14.62 0.96
N PHE A 340 13.47 15.34 1.38
CA PHE A 340 12.10 14.90 1.12
C PHE A 340 11.17 16.09 1.31
N LYS A 341 9.95 15.94 0.78
CA LYS A 341 8.95 17.00 0.90
C LYS A 341 8.64 17.27 2.38
N LYS A 342 8.67 18.54 2.76
CA LYS A 342 8.45 18.95 4.14
C LYS A 342 6.96 19.20 4.31
N THR A 343 6.27 18.30 4.99
CA THR A 343 4.82 18.40 5.18
C THR A 343 4.43 17.50 6.34
N GLN A 344 3.13 17.47 6.66
CA GLN A 344 2.65 16.61 7.73
C GLN A 344 2.43 15.20 7.22
N ILE A 345 2.61 14.21 8.11
CA ILE A 345 2.34 12.82 7.77
C ILE A 345 1.54 12.15 8.89
N LEU A 346 0.73 11.18 8.48
CA LEU A 346 -0.02 10.31 9.38
C LEU A 346 0.37 8.89 9.03
N VAL A 347 0.89 8.14 10.01
CA VAL A 347 1.48 6.82 9.79
C VAL A 347 0.92 5.85 10.83
N GLY A 348 0.74 4.59 10.47
CA GLY A 348 0.36 3.66 11.51
C GLY A 348 0.48 2.22 11.05
N VAL A 349 0.21 1.32 11.99
CA VAL A 349 0.33 -0.12 11.76
C VAL A 349 -0.78 -0.82 12.51
N ASN A 350 -0.97 -2.08 12.18
CA ASN A 350 -1.96 -2.92 12.82
C ASN A 350 -1.28 -3.86 13.81
N LYS A 351 -2.07 -4.32 14.80
CA LYS A 351 -1.51 -5.10 15.91
C LYS A 351 -0.86 -6.40 15.44
N ASP A 352 -1.45 -7.07 14.46
CA ASP A 352 -0.90 -8.35 14.03
C ASP A 352 -0.53 -8.37 12.54
N GLU A 353 0.35 -7.44 12.12
CA GLU A 353 0.74 -7.35 10.71
C GLU A 353 1.23 -8.68 10.14
N GLY A 354 1.96 -9.46 10.93
CA GLY A 354 2.69 -10.59 10.37
C GLY A 354 1.88 -11.87 10.18
N THR A 355 0.72 -12.00 10.82
CA THR A 355 0.08 -13.32 10.90
C THR A 355 -0.42 -13.82 9.53
N ALA A 356 -0.91 -12.92 8.67
CA ALA A 356 -1.44 -13.35 7.37
C ALA A 356 -0.43 -14.16 6.59
N PHE A 357 0.84 -13.77 6.63
CA PHE A 357 1.85 -14.39 5.79
C PHE A 357 2.22 -15.78 6.28
N LEU A 358 1.93 -16.11 7.54
CA LEU A 358 2.35 -17.41 8.07
C LEU A 358 1.67 -18.57 7.34
N VAL A 359 0.45 -18.38 6.84
CA VAL A 359 -0.26 -19.52 6.24
C VAL A 359 0.05 -19.64 4.76
N TYR A 360 1.00 -18.83 4.26
CA TYR A 360 1.50 -18.94 2.89
C TYR A 360 2.86 -19.63 2.81
N GLY A 361 3.16 -20.51 3.76
CA GLY A 361 4.39 -21.26 3.63
C GLY A 361 5.08 -21.71 4.90
N ALA A 362 4.72 -21.16 6.05
CA ALA A 362 5.39 -21.59 7.27
C ALA A 362 4.86 -22.96 7.72
N PRO A 363 5.72 -23.90 8.08
CA PRO A 363 5.24 -25.24 8.43
C PRO A 363 4.48 -25.24 9.74
N GLY A 364 3.41 -26.04 9.77
CA GLY A 364 2.57 -26.18 10.94
C GLY A 364 1.44 -25.19 11.03
N PHE A 365 1.36 -24.24 10.10
CA PHE A 365 0.34 -23.20 10.17
C PHE A 365 -0.81 -23.56 9.22
N SER A 366 -2.02 -23.23 9.64
CA SER A 366 -3.17 -23.37 8.77
C SER A 366 -4.23 -22.39 9.24
N LYS A 367 -4.97 -21.82 8.30
CA LYS A 367 -6.05 -20.95 8.75
C LYS A 367 -7.19 -21.75 9.40
N ASP A 368 -7.18 -23.08 9.28
CA ASP A 368 -8.30 -23.92 9.68
C ASP A 368 -8.07 -24.70 10.97
N ASN A 369 -6.96 -24.43 11.69
CA ASN A 369 -6.77 -24.90 13.05
C ASN A 369 -6.00 -23.83 13.80
N ASN A 370 -5.68 -24.09 15.06
CA ASN A 370 -5.10 -23.03 15.87
C ASN A 370 -3.57 -22.96 15.76
N SER A 371 -2.96 -23.74 14.87
CA SER A 371 -1.58 -23.56 14.43
C SER A 371 -0.59 -23.48 15.59
N ILE A 372 -0.85 -24.25 16.64
CA ILE A 372 0.15 -24.44 17.69
C ILE A 372 1.39 -25.10 17.08
N ILE A 373 2.51 -24.40 17.06
CA ILE A 373 3.72 -24.97 16.48
C ILE A 373 4.76 -25.20 17.58
N THR A 374 5.74 -26.03 17.24
CA THR A 374 6.84 -26.36 18.14
C THR A 374 8.05 -25.47 17.88
N ARG A 375 9.02 -25.55 18.80
CA ARG A 375 10.29 -24.87 18.62
C ARG A 375 10.91 -25.22 17.27
N LYS A 376 10.93 -26.50 16.91
CA LYS A 376 11.56 -26.86 15.64
C LYS A 376 10.78 -26.32 14.45
N GLU A 377 9.45 -26.23 14.56
CA GLU A 377 8.68 -25.61 13.49
C GLU A 377 8.95 -24.11 13.40
N PHE A 378 9.04 -23.45 14.56
CA PHE A 378 9.48 -22.05 14.59
C PHE A 378 10.80 -21.87 13.86
N GLN A 379 11.78 -22.73 14.14
CA GLN A 379 13.07 -22.60 13.48
C GLN A 379 12.95 -22.82 11.97
N GLU A 380 12.13 -23.79 11.56
CA GLU A 380 11.90 -23.98 10.13
C GLU A 380 11.19 -22.77 9.53
N GLY A 381 10.28 -22.16 10.30
CA GLY A 381 9.60 -20.95 9.83
C GLY A 381 10.57 -19.80 9.58
N LEU A 382 11.59 -19.65 10.43
CA LEU A 382 12.59 -18.61 10.17
C LEU A 382 13.34 -18.89 8.88
N LYS A 383 13.55 -20.17 8.55
CA LYS A 383 14.22 -20.48 7.30
C LYS A 383 13.37 -20.06 6.11
N ILE A 384 12.04 -20.22 6.24
CA ILE A 384 11.11 -19.82 5.19
C ILE A 384 11.14 -18.31 4.98
N PHE A 385 11.13 -17.55 6.09
CA PHE A 385 11.03 -16.10 5.98
C PHE A 385 12.36 -15.40 5.84
N PHE A 386 13.48 -16.05 6.17
CA PHE A 386 14.80 -15.43 6.09
C PHE A 386 15.77 -16.35 5.35
N PRO A 387 15.47 -16.69 4.08
CA PRO A 387 16.27 -17.73 3.40
C PRO A 387 17.72 -17.38 3.20
N GLY A 388 18.05 -16.13 2.91
CA GLY A 388 19.44 -15.80 2.65
C GLY A 388 20.23 -15.32 3.86
N VAL A 389 19.72 -15.59 5.06
CA VAL A 389 20.31 -15.07 6.29
C VAL A 389 21.16 -16.15 6.94
N SER A 390 22.29 -15.75 7.50
CA SER A 390 23.21 -16.68 8.14
C SER A 390 22.53 -17.41 9.30
N GLU A 391 23.11 -18.56 9.67
CA GLU A 391 22.63 -19.28 10.84
C GLU A 391 22.72 -18.42 12.09
N PHE A 392 23.76 -17.60 12.20
CA PHE A 392 23.86 -16.71 13.34
C PHE A 392 22.70 -15.71 13.34
N GLY A 393 22.42 -15.11 12.17
CA GLY A 393 21.30 -14.20 12.07
C GLY A 393 19.99 -14.80 12.53
N LYS A 394 19.71 -16.05 12.12
CA LYS A 394 18.46 -16.67 12.50
C LYS A 394 18.44 -17.01 13.98
N GLU A 395 19.58 -17.45 14.53
CA GLU A 395 19.65 -17.68 15.98
C GLU A 395 19.37 -16.39 16.74
N SER A 396 19.86 -15.26 16.24
CA SER A 396 19.67 -14.01 16.95
C SER A 396 18.18 -13.64 17.00
N ILE A 397 17.45 -13.94 15.91
CA ILE A 397 16.00 -13.72 15.94
C ILE A 397 15.38 -14.60 17.02
N LEU A 398 15.75 -15.89 17.02
CA LEU A 398 15.20 -16.82 18.00
C LEU A 398 15.52 -16.36 19.41
N PHE A 399 16.77 -15.94 19.64
CA PHE A 399 17.17 -15.47 20.96
C PHE A 399 16.30 -14.30 21.42
N HIS A 400 16.03 -13.35 20.53
CA HIS A 400 15.33 -12.14 20.92
CA HIS A 400 15.33 -12.16 20.98
C HIS A 400 13.84 -12.38 21.13
N TYR A 401 13.25 -13.36 20.45
CA TYR A 401 11.81 -13.54 20.49
C TYR A 401 11.33 -14.72 21.32
N THR A 402 12.22 -15.53 21.92
CA THR A 402 11.76 -16.71 22.64
C THR A 402 12.12 -16.66 24.12
N ASP A 403 12.21 -15.47 24.69
CA ASP A 403 12.39 -15.33 26.14
C ASP A 403 11.01 -15.20 26.77
N TRP A 404 10.42 -16.35 27.09
CA TRP A 404 9.01 -16.45 27.42
C TRP A 404 8.69 -15.92 28.81
N VAL A 405 7.51 -15.32 28.94
CA VAL A 405 6.96 -15.06 30.27
C VAL A 405 6.59 -16.36 30.97
N ASP A 406 6.21 -17.39 30.20
CA ASP A 406 5.92 -18.72 30.75
C ASP A 406 6.23 -19.74 29.68
N ASP A 407 7.27 -20.55 29.91
CA ASP A 407 7.74 -21.56 28.96
C ASP A 407 6.67 -22.56 28.55
N GLN A 408 5.53 -22.61 29.25
CA GLN A 408 4.57 -23.69 29.03
C GLN A 408 3.32 -23.26 28.27
N ARG A 409 3.17 -21.98 27.95
CA ARG A 409 2.08 -21.53 27.08
C ARG A 409 2.21 -22.19 25.71
N PRO A 410 1.24 -22.99 25.27
CA PRO A 410 1.41 -23.70 23.99
C PRO A 410 1.52 -22.79 22.77
N GLU A 411 0.94 -21.59 22.81
CA GLU A 411 0.95 -20.71 21.64
C GLU A 411 2.19 -19.81 21.58
N ASN A 412 3.17 -20.03 22.48
CA ASN A 412 4.36 -19.17 22.51
C ASN A 412 4.99 -19.04 21.13
N TYR A 413 5.31 -20.17 20.49
CA TYR A 413 6.05 -20.11 19.24
C TYR A 413 5.18 -19.57 18.10
N ARG A 414 3.91 -19.94 18.08
CA ARG A 414 2.99 -19.41 17.06
C ARG A 414 2.97 -17.88 17.11
N GLU A 415 2.80 -17.32 18.31
CA GLU A 415 2.73 -15.88 18.44
C GLU A 415 4.08 -15.22 18.17
N ALA A 416 5.19 -15.89 18.54
CA ALA A 416 6.50 -15.29 18.28
C ALA A 416 6.77 -15.16 16.79
N LEU A 417 6.38 -16.16 15.98
CA LEU A 417 6.70 -16.06 14.57
C LEU A 417 5.88 -14.95 13.89
N GLY A 418 4.62 -14.80 14.27
CA GLY A 418 3.84 -13.71 13.72
C GLY A 418 4.43 -12.35 14.07
N ASP A 419 4.92 -12.20 15.30
CA ASP A 419 5.50 -10.92 15.70
C ASP A 419 6.83 -10.68 15.03
N VAL A 420 7.65 -11.73 14.89
CA VAL A 420 8.86 -11.62 14.08
C VAL A 420 8.54 -11.05 12.70
N VAL A 421 7.56 -11.65 12.01
CA VAL A 421 7.31 -11.26 10.63
C VAL A 421 6.73 -9.85 10.57
N GLY A 422 5.85 -9.53 11.52
CA GLY A 422 5.23 -8.20 11.51
C GLY A 422 6.18 -7.09 11.91
N ASP A 423 6.98 -7.33 12.96
CA ASP A 423 7.91 -6.29 13.43
C ASP A 423 8.97 -6.00 12.38
N TYR A 424 9.55 -7.06 11.79
CA TYR A 424 10.61 -6.88 10.80
C TYR A 424 10.09 -6.21 9.53
N ASN A 425 8.94 -6.65 9.03
CA ASN A 425 8.50 -6.24 7.70
C ASN A 425 7.65 -4.97 7.71
N PHE A 426 6.99 -4.65 8.81
CA PHE A 426 6.06 -3.51 8.80
C PHE A 426 6.21 -2.53 9.95
N ILE A 427 6.20 -3.01 11.19
CA ILE A 427 6.06 -2.10 12.33
C ILE A 427 7.36 -1.32 12.58
N CYS A 428 8.48 -2.01 12.72
CA CYS A 428 9.71 -1.31 12.97
C CYS A 428 10.13 -0.39 11.82
N PRO A 429 9.97 -0.76 10.53
CA PRO A 429 10.23 0.23 9.46
C PRO A 429 9.30 1.42 9.51
N ALA A 430 8.02 1.23 9.86
CA ALA A 430 7.11 2.37 9.93
C ALA A 430 7.53 3.34 11.03
N LEU A 431 7.88 2.80 12.20
CA LEU A 431 8.31 3.67 13.29
C LEU A 431 9.62 4.37 12.96
N GLU A 432 10.55 3.67 12.31
CA GLU A 432 11.82 4.32 11.97
CA GLU A 432 11.83 4.29 11.93
C GLU A 432 11.61 5.42 10.92
N PHE A 433 10.73 5.18 9.94
CA PHE A 433 10.41 6.22 8.96
C PHE A 433 9.82 7.45 9.66
N THR A 434 8.88 7.23 10.59
CA THR A 434 8.23 8.34 11.28
C THR A 434 9.24 9.12 12.13
N LYS A 435 10.11 8.41 12.84
CA LYS A 435 11.16 9.09 13.62
C LYS A 435 12.03 9.96 12.73
N LYS A 436 12.58 9.38 11.65
CA LYS A 436 13.52 10.11 10.81
C LYS A 436 12.85 11.25 10.07
N PHE A 437 11.58 11.08 9.68
CA PHE A 437 10.87 12.16 9.01
C PHE A 437 10.56 13.30 9.96
N SER A 438 10.10 12.98 11.17
CA SER A 438 9.79 14.00 12.16
C SER A 438 11.03 14.77 12.63
N GLU A 439 12.24 14.18 12.52
CA GLU A 439 13.43 14.86 13.01
C GLU A 439 13.75 16.13 12.23
N TRP A 440 13.15 16.29 11.05
CA TRP A 440 13.40 17.47 10.22
C TRP A 440 12.31 18.52 10.39
N GLY A 441 11.52 18.43 11.46
CA GLY A 441 10.70 19.55 11.86
C GLY A 441 9.22 19.47 11.52
N ASN A 442 8.73 18.40 10.93
CA ASN A 442 7.33 18.37 10.55
C ASN A 442 6.49 17.59 11.56
N ASN A 443 5.22 17.98 11.67
CA ASN A 443 4.27 17.24 12.50
C ASN A 443 4.01 15.87 11.90
N ALA A 444 4.18 14.84 12.72
CA ALA A 444 3.83 13.47 12.37
C ALA A 444 2.88 12.93 13.42
N PHE A 445 1.97 12.06 12.99
CA PHE A 445 1.00 11.43 13.89
C PHE A 445 1.03 9.93 13.65
N PHE A 446 1.17 9.14 14.71
CA PHE A 446 1.31 7.68 14.58
C PHE A 446 0.16 6.99 15.29
N TYR A 447 -0.40 5.93 14.67
CA TYR A 447 -1.50 5.18 15.28
C TYR A 447 -1.15 3.71 15.36
N TYR A 448 -1.81 3.02 16.30
CA TYR A 448 -1.67 1.57 16.46
C TYR A 448 -3.08 1.01 16.42
N PHE A 449 -3.43 0.35 15.33
CA PHE A 449 -4.80 -0.13 15.11
C PHE A 449 -4.93 -1.54 15.68
N GLU A 450 -5.84 -1.71 16.64
CA GLU A 450 -5.88 -2.98 17.35
C GLU A 450 -7.30 -3.54 17.45
N HIS A 451 -8.17 -3.21 16.50
CA HIS A 451 -9.52 -3.75 16.47
C HIS A 451 -9.64 -4.84 15.43
N ARG A 452 -10.13 -6.01 15.83
CA ARG A 452 -10.36 -7.12 14.92
C ARG A 452 -11.81 -7.08 14.45
N SER A 453 -11.99 -6.98 13.13
CA SER A 453 -13.31 -6.87 12.52
C SER A 453 -14.21 -8.01 12.97
N SER A 454 -15.44 -7.68 13.37
CA SER A 454 -16.40 -8.72 13.75
C SER A 454 -16.72 -9.64 12.59
N LYS A 455 -16.50 -9.22 11.35
CA LYS A 455 -16.80 -10.06 10.21
C LYS A 455 -15.56 -10.75 9.63
N LEU A 456 -14.39 -10.63 10.27
CA LEU A 456 -13.15 -11.16 9.70
C LEU A 456 -13.28 -12.64 9.36
N PRO A 457 -13.05 -13.04 8.10
CA PRO A 457 -13.20 -14.46 7.76
C PRO A 457 -12.04 -15.33 8.19
N TRP A 458 -10.89 -14.74 8.53
CA TRP A 458 -9.74 -15.50 8.99
C TRP A 458 -9.90 -15.89 10.47
N PRO A 459 -9.16 -16.89 10.92
CA PRO A 459 -9.34 -17.37 12.30
C PRO A 459 -8.86 -16.36 13.32
N GLU A 460 -9.35 -16.56 14.55
CA GLU A 460 -9.08 -15.59 15.62
C GLU A 460 -7.61 -15.55 16.01
N TRP A 461 -6.87 -16.64 15.86
CA TRP A 461 -5.46 -16.58 16.21
C TRP A 461 -4.68 -15.59 15.36
N MET A 462 -5.19 -15.24 14.17
CA MET A 462 -4.46 -14.27 13.36
C MET A 462 -4.72 -12.82 13.79
N GLY A 463 -5.70 -12.58 14.66
CA GLY A 463 -5.82 -11.28 15.30
C GLY A 463 -6.15 -10.16 14.32
N VAL A 464 -5.51 -9.01 14.54
CA VAL A 464 -5.79 -7.76 13.81
C VAL A 464 -4.85 -7.73 12.60
N MET A 465 -5.32 -8.24 11.47
CA MET A 465 -4.45 -8.61 10.38
C MET A 465 -4.06 -7.43 9.49
N HIS A 466 -2.95 -7.62 8.79
CA HIS A 466 -2.54 -6.75 7.69
C HIS A 466 -3.67 -6.56 6.69
N GLY A 467 -4.02 -5.30 6.42
CA GLY A 467 -5.05 -4.94 5.46
C GLY A 467 -6.43 -4.70 6.05
N TYR A 468 -6.66 -5.06 7.32
CA TYR A 468 -8.02 -5.08 7.83
C TYR A 468 -8.37 -3.84 8.64
N GLU A 469 -7.58 -2.78 8.51
CA GLU A 469 -8.01 -1.45 8.90
C GLU A 469 -8.64 -0.70 7.74
N ILE A 470 -8.40 -1.17 6.51
CA ILE A 470 -8.77 -0.41 5.31
C ILE A 470 -10.28 -0.17 5.28
N GLU A 471 -11.06 -1.20 5.57
CA GLU A 471 -12.50 -1.05 5.49
C GLU A 471 -13.01 -0.02 6.49
N PHE A 472 -12.32 0.14 7.63
CA PHE A 472 -12.71 1.17 8.60
C PHE A 472 -12.39 2.56 8.09
N VAL A 473 -11.22 2.72 7.47
CA VAL A 473 -10.84 4.01 6.88
C VAL A 473 -11.83 4.43 5.79
N PHE A 474 -12.30 3.47 4.97
CA PHE A 474 -13.19 3.81 3.87
C PHE A 474 -14.65 3.88 4.31
N GLY A 475 -14.95 3.59 5.57
CA GLY A 475 -16.28 3.85 6.10
C GLY A 475 -17.27 2.76 5.81
N LEU A 476 -16.83 1.55 5.47
CA LEU A 476 -17.78 0.47 5.24
C LEU A 476 -18.66 0.15 6.44
N PRO A 477 -18.17 0.18 7.70
CA PRO A 477 -19.08 -0.07 8.83
C PRO A 477 -20.11 1.02 9.02
N LEU A 478 -20.04 2.14 8.29
CA LEU A 478 -21.10 3.15 8.38
C LEU A 478 -22.38 2.67 7.72
N GLU A 479 -22.30 1.64 6.87
CA GLU A 479 -23.48 1.02 6.26
C GLU A 479 -24.05 0.03 7.26
N ARG A 480 -25.11 0.43 7.95
CA ARG A 480 -25.71 -0.42 8.97
C ARG A 480 -26.30 -1.70 8.41
N ARG A 481 -26.58 -1.74 7.11
CA ARG A 481 -27.13 -2.96 6.52
C ARG A 481 -26.11 -4.10 6.41
N ASP A 482 -24.84 -3.89 6.76
CA ASP A 482 -23.80 -4.86 6.40
C ASP A 482 -23.15 -5.54 7.60
N GLN A 483 -23.89 -5.70 8.70
CA GLN A 483 -23.63 -6.66 9.77
C GLN A 483 -22.47 -6.31 10.69
N TYR A 484 -21.85 -5.13 10.58
CA TYR A 484 -20.89 -4.69 11.59
C TYR A 484 -21.61 -4.31 12.87
N THR A 485 -20.88 -4.32 13.99
CA THR A 485 -21.48 -3.93 15.26
C THR A 485 -21.65 -2.42 15.33
N LYS A 486 -22.42 -1.98 16.34
CA LYS A 486 -22.56 -0.54 16.58
C LYS A 486 -21.24 0.07 17.02
N ALA A 487 -20.49 -0.65 17.85
CA ALA A 487 -19.18 -0.15 18.25
C ALA A 487 -18.27 0.05 17.04
N GLU A 488 -18.42 -0.80 16.03
CA GLU A 488 -17.61 -0.67 14.82
C GLU A 488 -18.06 0.51 13.98
N GLU A 489 -19.36 0.78 13.92
CA GLU A 489 -19.84 1.97 13.25
C GLU A 489 -19.24 3.23 13.88
N ILE A 490 -19.20 3.29 15.21
CA ILE A 490 -18.68 4.47 15.89
C ILE A 490 -17.17 4.61 15.66
N LEU A 491 -16.45 3.48 15.68
CA LEU A 491 -15.01 3.54 15.45
C LEU A 491 -14.70 4.02 14.03
N SER A 492 -15.37 3.45 13.03
CA SER A 492 -15.16 3.88 11.65
C SER A 492 -15.53 5.36 11.48
N ARG A 493 -16.62 5.80 12.11
CA ARG A 493 -17.00 7.20 11.97
C ARG A 493 -15.90 8.12 12.51
N SER A 494 -15.29 7.75 13.64
N SER A 494 -15.28 7.74 13.63
CA SER A 494 -14.24 8.57 14.21
CA SER A 494 -14.24 8.60 14.20
C SER A 494 -12.97 8.54 13.36
C SER A 494 -12.96 8.54 13.36
N ILE A 495 -12.61 7.36 12.85
CA ILE A 495 -11.42 7.26 11.98
C ILE A 495 -11.62 8.08 10.72
N VAL A 496 -12.79 7.96 10.10
CA VAL A 496 -13.11 8.73 8.90
C VAL A 496 -12.98 10.23 9.17
N LYS A 497 -13.52 10.70 10.30
CA LYS A 497 -13.38 12.12 10.64
C LYS A 497 -11.91 12.51 10.85
N ARG A 498 -11.14 11.67 11.55
CA ARG A 498 -9.75 12.01 11.80
C ARG A 498 -8.95 12.07 10.50
N TRP A 499 -9.18 11.11 9.61
CA TRP A 499 -8.49 11.10 8.31
C TRP A 499 -8.86 12.34 7.50
N ALA A 500 -10.14 12.73 7.51
CA ALA A 500 -10.57 13.88 6.73
C ALA A 500 -10.03 15.18 7.31
N ASN A 501 -10.04 15.30 8.63
CA ASN A 501 -9.44 16.46 9.27
C ASN A 501 -7.95 16.54 8.99
N PHE A 502 -7.28 15.38 8.95
CA PHE A 502 -5.87 15.40 8.56
C PHE A 502 -5.71 15.95 7.15
N ALA A 503 -6.49 15.42 6.19
CA ALA A 503 -6.36 15.88 4.82
C ALA A 503 -6.71 17.36 4.68
N LYS A 504 -7.81 17.78 5.31
CA LYS A 504 -8.25 19.17 5.14
C LYS A 504 -7.32 20.14 5.89
N TYR A 505 -6.91 19.77 7.10
CA TYR A 505 -6.31 20.73 8.04
C TYR A 505 -4.95 20.33 8.57
N GLY A 506 -4.46 19.13 8.22
CA GLY A 506 -3.15 18.70 8.71
C GLY A 506 -3.15 18.22 10.15
N ASN A 507 -4.31 17.92 10.72
CA ASN A 507 -4.39 17.63 12.15
C ASN A 507 -5.48 16.61 12.42
N PRO A 508 -5.14 15.34 12.75
CA PRO A 508 -6.13 14.25 12.73
C PRO A 508 -6.97 14.18 14.00
N GLN A 509 -7.54 15.32 14.39
CA GLN A 509 -8.35 15.37 15.59
C GLN A 509 -9.80 15.04 15.25
N GLU A 510 -10.51 14.57 16.26
CA GLU A 510 -11.98 14.55 16.28
C GLU A 510 -12.37 15.53 17.38
N THR A 511 -12.84 16.71 17.00
CA THR A 511 -12.91 17.81 17.95
C THR A 511 -14.26 17.94 18.67
N GLN A 512 -15.28 17.16 18.28
CA GLN A 512 -16.63 17.45 18.74
C GLN A 512 -17.14 16.51 19.83
N ASN A 513 -16.58 15.33 19.97
CA ASN A 513 -17.22 14.28 20.76
C ASN A 513 -16.37 13.88 21.96
N GLN A 514 -15.71 14.87 22.58
CA GLN A 514 -14.85 14.64 23.75
C GLN A 514 -13.87 13.49 23.52
N SER A 515 -13.17 13.55 22.39
CA SER A 515 -12.26 12.49 22.01
C SER A 515 -10.87 12.73 22.57
N THR A 516 -10.14 11.64 22.77
CA THR A 516 -8.71 11.74 23.07
C THR A 516 -8.03 12.58 22.01
N SER A 517 -7.22 13.55 22.45
CA SER A 517 -6.45 14.34 21.51
C SER A 517 -5.25 13.54 20.99
N TRP A 518 -4.98 13.64 19.69
CA TRP A 518 -3.89 12.88 19.09
C TRP A 518 -2.62 13.72 19.12
N PRO A 519 -1.62 13.40 19.95
CA PRO A 519 -0.41 14.22 20.04
C PRO A 519 0.50 13.97 18.84
N VAL A 520 1.35 14.96 18.56
CA VAL A 520 2.35 14.72 17.53
C VAL A 520 3.39 13.72 18.05
N PHE A 521 3.89 12.92 17.13
CA PHE A 521 4.97 11.98 17.36
C PHE A 521 6.31 12.71 17.22
N LYS A 522 7.11 12.69 18.27
CA LYS A 522 8.44 13.28 18.27
C LYS A 522 9.45 12.20 18.59
N SER A 523 10.68 12.35 18.07
CA SER A 523 11.63 11.26 18.21
C SER A 523 12.04 11.01 19.67
N THR A 524 11.84 11.98 20.57
CA THR A 524 12.16 11.70 21.97
C THR A 524 11.04 10.92 22.67
N GLU A 525 9.84 11.51 22.76
CA GLU A 525 8.78 10.85 23.54
C GLU A 525 8.06 9.75 22.76
N GLN A 526 7.95 9.89 21.45
CA GLN A 526 7.40 8.85 20.58
C GLN A 526 5.98 8.44 20.98
N LYS A 527 5.12 9.45 21.20
CA LYS A 527 3.73 9.18 21.55
C LYS A 527 2.94 8.69 20.33
N TYR A 528 1.97 7.79 20.57
CA TYR A 528 1.10 7.29 19.52
C TYR A 528 -0.30 7.05 20.06
N LEU A 529 -1.26 6.98 19.16
CA LEU A 529 -2.67 6.83 19.50
C LEU A 529 -3.13 5.41 19.17
N THR A 530 -3.80 4.75 20.12
CA THR A 530 -4.35 3.43 19.83
C THR A 530 -5.79 3.58 19.34
N LEU A 531 -6.15 2.77 18.35
CA LEU A 531 -7.47 2.84 17.74
C LEU A 531 -8.19 1.53 18.03
N ASN A 532 -9.31 1.62 18.74
CA ASN A 532 -10.07 0.42 19.10
C ASN A 532 -11.46 0.85 19.52
N THR A 533 -12.34 -0.13 19.70
CA THR A 533 -13.73 0.22 20.02
C THR A 533 -13.91 0.61 21.49
N GLU A 534 -13.06 0.10 22.38
CA GLU A 534 -13.21 0.39 23.80
C GLU A 534 -12.64 1.76 24.15
N SER A 535 -11.35 1.83 24.44
CA SER A 535 -10.71 3.04 24.95
C SER A 535 -9.56 3.44 24.05
N THR A 536 -9.64 4.66 23.50
CA THR A 536 -8.56 5.27 22.75
C THR A 536 -7.51 5.83 23.72
N ARG A 537 -6.26 5.38 23.61
CA ARG A 537 -5.23 5.78 24.58
C ARG A 537 -4.00 6.35 23.89
N ILE A 538 -3.32 7.22 24.63
CA ILE A 538 -2.00 7.71 24.26
C ILE A 538 -0.96 6.83 24.94
N MET A 539 -0.10 6.21 24.14
CA MET A 539 0.98 5.38 24.65
CA MET A 539 0.98 5.35 24.60
C MET A 539 2.30 5.87 24.06
N THR A 540 3.40 5.25 24.49
CA THR A 540 4.74 5.71 24.10
C THR A 540 5.62 4.54 23.70
N LYS A 541 6.51 4.78 22.73
CA LYS A 541 7.62 3.87 22.39
C LYS A 541 7.11 2.47 22.05
N LEU A 542 6.26 2.41 21.03
CA LEU A 542 5.75 1.14 20.53
C LEU A 542 6.88 0.18 20.17
N ARG A 543 6.79 -1.05 20.67
CA ARG A 543 7.73 -2.13 20.30
C ARG A 543 9.18 -1.71 20.53
N ALA A 544 9.43 -0.95 21.60
CA ALA A 544 10.75 -0.35 21.78
C ALA A 544 11.86 -1.39 21.74
N GLN A 545 11.70 -2.48 22.50
CA GLN A 545 12.76 -3.49 22.56
C GLN A 545 12.92 -4.22 21.24
N GLN A 546 11.80 -4.61 20.61
CA GLN A 546 11.87 -5.35 19.36
C GLN A 546 12.50 -4.52 18.25
N CYS A 547 12.14 -3.24 18.16
CA CYS A 547 12.67 -2.44 17.07
C CYS A 547 14.13 -2.09 17.25
N ARG A 548 14.62 -2.00 18.49
CA ARG A 548 16.06 -1.84 18.67
C ARG A 548 16.82 -3.02 18.07
N PHE A 549 16.28 -4.23 18.23
CA PHE A 549 16.88 -5.40 17.59
C PHE A 549 16.86 -5.28 16.05
N TRP A 550 15.69 -4.98 15.48
CA TRP A 550 15.58 -5.00 14.01
C TRP A 550 16.28 -3.79 13.37
N THR A 551 16.21 -2.65 14.02
CA THR A 551 16.69 -1.43 13.39
C THR A 551 18.18 -1.24 13.59
N SER A 552 18.70 -1.60 14.75
CA SER A 552 20.10 -1.32 15.06
C SER A 552 21.00 -2.52 14.92
N PHE A 553 20.54 -3.72 15.29
CA PHE A 553 21.40 -4.89 15.20
C PHE A 553 21.24 -5.68 13.91
N PHE A 554 20.01 -6.16 13.64
CA PHE A 554 19.81 -7.11 12.55
C PHE A 554 20.36 -6.65 11.20
N PRO A 555 20.34 -5.37 10.81
CA PRO A 555 20.93 -4.99 9.51
C PRO A 555 22.41 -5.32 9.40
N LYS A 556 23.08 -5.65 10.50
CA LYS A 556 24.50 -5.95 10.44
C LYS A 556 24.76 -7.38 9.95
N VAL A 557 23.94 -8.34 10.39
CA VAL A 557 24.17 -9.75 10.07
C VAL A 557 24.01 -10.00 8.58
C1 NAG B . -22.54 6.61 -23.50
C2 NAG B . -22.67 5.91 -24.84
C3 NAG B . -23.84 6.49 -25.64
C4 NAG B . -25.12 6.51 -24.81
C5 NAG B . -24.86 7.19 -23.46
C6 NAG B . -26.06 7.13 -22.54
C7 NAG B . -20.74 4.96 -26.04
C8 NAG B . -19.49 5.27 -26.81
N2 NAG B . -21.43 6.02 -25.61
O3 NAG B . -24.04 5.70 -26.80
O4 NAG B . -26.15 7.19 -25.50
O5 NAG B . -23.77 6.55 -22.79
O6 NAG B . -25.99 5.98 -21.71
O7 NAG B . -21.10 3.81 -25.83
C1 FUC B . -26.93 6.08 -20.63
C2 FUC B . -28.17 5.28 -21.02
C3 FUC B . -27.79 3.82 -21.24
C4 FUC B . -27.17 3.23 -19.96
C5 FUC B . -26.02 4.13 -19.44
C6 FUC B . -25.57 3.77 -18.03
O2 FUC B . -28.84 5.82 -22.17
O3 FUC B . -28.95 3.05 -21.59
O4 FUC B . -28.16 3.09 -18.94
O5 FUC B . -26.38 5.55 -19.43
C1 NAG C . -2.94 -27.55 11.42
C2 NAG C . -2.21 -28.65 12.22
C3 NAG C . -0.86 -28.97 11.60
C4 NAG C . -0.97 -29.20 10.10
C5 NAG C . -1.68 -28.03 9.46
C6 NAG C . -1.88 -28.19 7.96
C7 NAG C . -2.92 -28.50 14.58
C8 NAG C . -2.57 -27.98 15.94
N2 NAG C . -2.04 -28.23 13.60
O3 NAG C . -0.33 -30.15 12.23
O4 NAG C . 0.35 -29.28 9.56
O5 NAG C . -2.98 -27.91 10.05
O6 NAG C . -2.32 -29.50 7.64
O7 NAG C . -3.96 -29.11 14.37
C1 NAG C . 0.55 -30.63 9.14
C2 NAG C . 1.72 -30.59 8.21
C3 NAG C . 1.98 -31.99 7.66
C4 NAG C . 2.05 -33.02 8.78
C5 NAG C . 1.04 -32.81 9.93
C6 NAG C . 1.50 -33.46 11.21
C7 NAG C . 2.31 -28.61 6.89
C8 NAG C . 3.51 -28.48 7.79
N2 NAG C . 1.50 -29.64 7.13
O3 NAG C . 3.23 -31.95 6.97
O4 NAG C . 1.77 -34.30 8.22
O5 NAG C . 0.86 -31.42 10.24
O6 NAG C . 2.22 -32.55 12.02
O7 NAG C . 2.09 -27.82 5.97
C1 FUC C . -3.35 -29.43 6.64
C2 FUC C . -3.67 -30.88 6.20
C3 FUC C . -4.41 -31.64 7.31
C4 FUC C . -5.64 -30.87 7.74
C5 FUC C . -5.18 -29.47 8.22
C6 FUC C . -6.29 -28.52 8.71
O2 FUC C . -2.50 -31.57 5.79
O3 FUC C . -4.85 -32.90 6.84
O4 FUC C . -6.52 -30.74 6.63
O5 FUC C . -4.51 -28.79 7.15
C1 NAG D . 20.91 -14.61 -9.62
C2 NAG D . 20.70 -15.30 -8.29
C3 NAG D . 21.61 -16.51 -8.21
C4 NAG D . 21.25 -17.47 -9.34
C5 NAG D . 21.23 -16.76 -10.71
C6 NAG D . 20.53 -17.60 -11.75
C7 NAG D . 21.95 -13.70 -6.86
C8 NAG D . 21.88 -12.86 -5.61
N2 NAG D . 20.86 -14.42 -7.14
O3 NAG D . 21.45 -17.15 -6.94
O4 NAG D . 22.19 -18.53 -9.42
O5 NAG D . 20.53 -15.50 -10.68
O6 NAG D . 19.29 -18.06 -11.22
O7 NAG D . 22.95 -13.70 -7.58
C1 NAG D . 21.65 -19.78 -8.94
C2 NAG D . 22.44 -20.95 -9.54
C3 NAG D . 21.97 -22.28 -8.97
C4 NAG D . 21.98 -22.25 -7.44
C5 NAG D . 21.17 -21.06 -6.95
C6 NAG D . 21.23 -20.90 -5.44
C7 NAG D . 23.29 -20.44 -11.79
C8 NAG D . 23.02 -20.54 -13.27
N2 NAG D . 22.35 -20.95 -11.00
O3 NAG D . 22.81 -23.32 -9.44
O4 NAG D . 21.44 -23.46 -6.92
O5 NAG D . 21.70 -19.85 -7.51
O6 NAG D . 21.88 -19.69 -5.07
O7 NAG D . 24.31 -19.93 -11.35
C1 FUC D . 18.90 -19.34 -11.75
C2 FUC D . 17.85 -19.95 -10.77
C3 FUC D . 16.52 -19.15 -10.79
C4 FUC D . 16.03 -18.94 -12.24
C5 FUC D . 17.15 -18.38 -13.12
C6 FUC D . 16.78 -18.30 -14.58
O2 FUC D . 18.35 -20.06 -9.44
O3 FUC D . 15.50 -19.86 -10.10
O4 FUC D . 15.54 -20.18 -12.77
O5 FUC D . 18.35 -19.19 -13.04
C1 NAG E . -9.65 26.98 -3.31
C2 NAG E . -9.84 28.28 -4.11
C3 NAG E . -8.48 28.85 -4.52
C4 NAG E . -7.58 29.01 -3.31
C5 NAG E . -7.47 27.68 -2.57
C6 NAG E . -6.65 27.75 -1.31
C7 NAG E . -12.00 28.30 -5.32
C8 NAG E . -12.61 28.83 -4.05
N2 NAG E . -10.68 28.06 -5.28
O3 NAG E . -8.65 30.10 -5.19
O4 NAG E . -6.28 29.44 -3.69
O5 NAG E . -8.79 27.23 -2.19
O6 NAG E . -6.54 26.47 -0.69
O7 NAG E . -12.66 28.10 -6.32
C1 NAG F . 21.92 -2.82 -30.32
C2 NAG F . 20.66 -1.98 -30.61
C3 NAG F . 21.03 -0.57 -31.06
C4 NAG F . 22.01 0.07 -30.09
C5 NAG F . 23.21 -0.83 -29.88
C6 NAG F . 24.20 -0.30 -28.87
C7 NAG F . 18.58 -2.27 -31.91
C8 NAG F . 17.90 -3.05 -33.00
N2 NAG F . 19.84 -2.64 -31.63
O3 NAG F . 19.86 0.24 -31.16
O4 NAG F . 22.45 1.33 -30.59
O5 NAG F . 22.77 -2.10 -29.41
O6 NAG F . 25.12 -1.32 -28.47
O7 NAG F . 18.01 -1.35 -31.32
C1 NAG G . -20.42 12.35 17.48
C2 NAG G . -20.31 11.56 16.16
C3 NAG G . -21.70 11.42 15.50
C4 NAG G . -22.70 10.82 16.48
C5 NAG G . -22.77 11.72 17.71
C6 NAG G . -23.72 11.21 18.77
C7 NAG G . -18.17 11.73 14.96
C8 NAG G . -17.36 12.52 13.99
N2 NAG G . -19.39 12.21 15.24
O3 NAG G . -21.59 10.59 14.34
O4 NAG G . -23.99 10.72 15.88
O5 NAG G . -21.47 11.78 18.31
O6 NAG G . -23.93 12.17 19.79
O7 NAG G . -17.73 10.71 15.49
S DMS H . -2.79 -6.70 0.40
O DMS H . -1.31 -6.46 0.52
C1 DMS H . -3.46 -6.22 2.02
C2 DMS H . -3.48 -5.36 -0.60
C10 HUN I . -4.39 -10.07 3.41
C11 HUN I . -2.97 -9.67 3.85
C16 HUN I . 0.89 -9.23 -1.18
C18 HUN I . 2.35 -8.07 0.18
C19 HUN I . 3.11 -8.92 -0.61
C20 HUN I . 4.54 -8.95 -0.48
C21 HUN I . 5.14 -8.08 0.49
C25 HUN I . 1.75 -12.65 -4.44
C25 HUN I . 1.53 -12.65 -4.39
C02 HUN I . 1.36 -12.49 -0.95
C04 HUN I . 0.32 -12.80 1.32
C05 HUN I . -0.51 -11.48 1.34
C06 HUN I . -1.68 -11.40 2.36
C07 HUN I . -2.99 -11.92 1.70
C08 HUN I . -4.02 -12.56 2.70
C09 HUN I . -4.73 -11.59 3.67
C12 HUN I . -1.85 -9.91 2.79
C13 HUN I . 2.49 -12.29 -2.00
C14 HUN I . 2.53 -10.77 -2.53
C15 HUN I . 2.22 -9.69 -1.49
C22 HUN I . 4.36 -7.19 1.28
C23 HUN I . 2.93 -7.16 1.15
N03 HUN I . 1.50 -12.65 0.45
N17 HUN I . 1.02 -8.28 -0.19
N24 HUN I . 2.24 -13.29 -3.16
O01 HUN I . 0.16 -12.49 -1.39
C26 HUN I . 0.41 -13.19 -4.94
C26 HUN I . -0.04 -12.67 -4.38
C27 HUN I . -0.68 -12.20 -4.54
C27 HUN I . -0.67 -13.34 -5.65
C28 HUN I . -1.67 -12.79 -3.61
C28 HUN I . 0.30 -13.36 -6.83
C1 GOL J . -14.75 -8.66 7.21
O1 GOL J . -14.47 -7.42 7.81
C2 GOL J . -15.05 -8.39 5.74
O2 GOL J . -16.03 -9.23 5.21
C3 GOL J . -13.69 -8.64 5.12
O3 GOL J . -13.02 -7.50 5.39
C1 GOL K . -18.79 2.32 -6.62
O1 GOL K . -18.87 3.48 -5.83
C2 GOL K . -20.19 1.62 -6.56
O2 GOL K . -20.48 1.08 -5.29
C3 GOL K . -20.14 0.52 -7.64
O3 GOL K . -20.71 1.10 -8.76
C1 GOL L . 12.43 -8.88 -1.69
O1 GOL L . 12.00 -10.04 -2.33
C2 GOL L . 13.08 -8.00 -2.80
O2 GOL L . 14.45 -7.91 -2.63
C3 GOL L . 12.38 -6.60 -2.64
O3 GOL L . 11.97 -6.19 -3.92
C1 GOL M . 1.17 18.13 21.46
O1 GOL M . 1.00 17.45 20.22
C2 GOL M . 0.49 17.24 22.55
O2 GOL M . -0.86 17.52 22.73
C3 GOL M . 1.35 17.39 23.83
O3 GOL M . 2.17 16.23 23.89
S DMS N . 0.06 21.56 -3.69
O DMS N . -0.26 21.36 -2.22
C1 DMS N . 1.85 21.32 -3.93
C2 DMS N . -0.58 20.15 -4.62
O1 MES O . 6.04 -3.45 22.76
C2 MES O . 5.51 -4.78 22.80
C3 MES O . 4.08 -4.80 23.31
N4 MES O . 3.39 -3.73 22.59
C5 MES O . 3.88 -2.37 22.68
C6 MES O . 5.24 -2.43 23.37
C7 MES O . 1.99 -3.92 22.18
C8 MES O . 1.61 -5.34 22.63
S MES O . 0.53 -6.05 21.58
O1S MES O . -0.36 -5.00 20.99
O2S MES O . 1.29 -6.77 20.53
O3S MES O . -0.32 -7.03 22.30
S SO4 P . 4.41 21.47 10.57
O1 SO4 P . 3.59 22.36 9.74
O2 SO4 P . 4.48 20.12 9.98
O3 SO4 P . 3.80 21.41 11.89
O4 SO4 P . 5.76 22.01 10.68
S SO4 Q . -12.21 8.46 22.50
O1 SO4 Q . -11.13 9.07 21.71
O2 SO4 Q . -13.47 8.73 21.82
O3 SO4 Q . -12.04 7.02 22.61
O4 SO4 Q . -12.20 9.03 23.84
S SO4 R . 18.12 -25.97 19.77
O1 SO4 R . 18.63 -26.06 18.42
O2 SO4 R . 16.67 -26.16 19.78
O3 SO4 R . 18.73 -27.00 20.60
O4 SO4 R . 18.43 -24.64 20.32
S SO4 S . 19.77 -5.63 21.24
O1 SO4 S . 20.90 -5.28 20.40
O2 SO4 S . 18.54 -5.33 20.52
O3 SO4 S . 19.80 -7.05 21.60
O4 SO4 S . 19.81 -4.83 22.47
#